data_7YJB
#
_entry.id   7YJB
#
_cell.length_a   66.241
_cell.length_b   72.507
_cell.length_c   83.214
_cell.angle_alpha   90.000
_cell.angle_beta   90.000
_cell.angle_gamma   90.000
#
_symmetry.space_group_name_H-M   'P 2 21 21'
#
loop_
_entity.id
_entity.type
_entity.pdbx_description
1 polymer 'chalcone synthase 1 (ScCHS1)'
2 non-polymer (2S)-2-(3,4-DIHYDROXYPHENYL)-5,7-DIHYDROXY-2,3-DIHYDRO-4H-CHROMEN-4-ONE
3 non-polymer 'COENZYME A'
4 water water
#
_entity_poly.entity_id   1
_entity_poly.type   'polypeptide(L)'
_entity_poly.pdbx_seq_one_letter_code
;MASATIPAPAPRKMERAEGPASVLAIGTAVPPNVVYQKDYPDFYFGVTNSNHKTELKDKFQRMCDKSCVSKRHLYLTEEI
LKANPSLCAYWEPSLDLRQDIVVVEVPKLGKQAASAAIKEWGQPKSKITHLIFCTTSGVDMPGADWALAKLLGLRSSVKR
LVLYMQGCYGGGTVLRIAKDLAENNKGARVLVVCSEITAITFRGPSDTHLDSLVGQALFGDGASALIVGSDPVPAVERAW
FELHWTGSDILPNSDGAIDGHLKEVGLTFHLMKDVPAIISKNIGGILKDALAKVFPAAHDQLDSSGTTAAAPPPPTYNDL
FWITHPGGPAILDQVEDRLGLRKDKLASTRAVLDQFGNMSSATVLFIMDEMRKRSVEQQLGTTGEGHEWGLLLGFGPGLT
CETVVLRSVPLV
;
_entity_poly.pdbx_strand_id   A
#
loop_
_chem_comp.id
_chem_comp.type
_chem_comp.name
_chem_comp.formula
COA non-polymer 'COENZYME A' 'C21 H36 N7 O16 P3 S'
ERD non-polymer (2S)-2-(3,4-DIHYDROXYPHENYL)-5,7-DIHYDROXY-2,3-DIHYDRO-4H-CHROMEN-4-ONE 'C15 H12 O6'
#
# COMPACT_ATOMS: atom_id res chain seq x y z
N ARG A 12 10.60 28.43 -23.26
CA ARG A 12 11.60 28.68 -22.22
C ARG A 12 11.07 28.16 -20.91
N LYS A 13 10.20 27.15 -21.02
CA LYS A 13 9.21 26.93 -20.00
C LYS A 13 8.51 25.62 -20.30
N MET A 14 7.97 25.03 -19.24
CA MET A 14 7.13 23.85 -19.29
C MET A 14 5.73 24.29 -18.86
N GLU A 15 4.77 24.22 -19.78
CA GLU A 15 3.39 24.54 -19.43
C GLU A 15 2.91 23.64 -18.31
N ARG A 16 2.13 24.20 -17.41
CA ARG A 16 1.54 23.43 -16.33
C ARG A 16 0.12 23.05 -16.71
N ALA A 17 -0.44 22.11 -15.95
CA ALA A 17 -1.82 21.68 -16.11
C ALA A 17 -2.77 22.61 -15.34
N GLU A 18 -4.07 22.40 -15.48
CA GLU A 18 -5.04 23.24 -14.77
C GLU A 18 -5.81 22.51 -13.69
N GLY A 19 -6.43 21.37 -14.00
CA GLY A 19 -7.30 20.71 -13.06
C GLY A 19 -6.54 19.86 -12.05
N PRO A 20 -7.29 19.33 -11.09
CA PRO A 20 -6.67 18.50 -10.06
C PRO A 20 -6.16 17.18 -10.63
N ALA A 21 -5.01 16.72 -10.11
CA ALA A 21 -4.49 15.40 -10.42
C ALA A 21 -5.56 14.34 -10.17
N SER A 22 -5.82 13.50 -11.19
CA SER A 22 -6.90 12.53 -11.11
C SER A 22 -6.42 11.13 -11.39
N VAL A 23 -6.97 10.17 -10.66
CA VAL A 23 -6.71 8.76 -10.91
C VAL A 23 -7.55 8.31 -12.12
N LEU A 24 -6.86 7.91 -13.19
CA LEU A 24 -7.55 7.63 -14.45
C LEU A 24 -7.74 6.14 -14.69
N ALA A 25 -7.04 5.30 -13.93
CA ALA A 25 -7.15 3.86 -14.05
C ALA A 25 -6.38 3.25 -12.89
N ILE A 26 -6.78 2.04 -12.48
CA ILE A 26 -6.10 1.29 -11.44
C ILE A 26 -5.95 -0.16 -11.89
N GLY A 27 -4.76 -0.73 -11.72
CA GLY A 27 -4.57 -2.16 -11.88
C GLY A 27 -3.92 -2.78 -10.66
N THR A 28 -4.15 -4.08 -10.48
CA THR A 28 -3.54 -4.79 -9.35
C THR A 28 -3.08 -6.17 -9.82
N ALA A 29 -2.13 -6.74 -9.07
CA ALA A 29 -1.67 -8.07 -9.39
C ALA A 29 -1.11 -8.70 -8.12
N VAL A 30 -1.28 -10.01 -8.00
CA VAL A 30 -0.77 -10.76 -6.84
C VAL A 30 -0.14 -12.06 -7.33
N PRO A 31 0.82 -12.59 -6.56
CA PRO A 31 1.29 -13.93 -6.87
C PRO A 31 0.15 -14.93 -6.90
N PRO A 32 0.26 -15.98 -7.71
CA PRO A 32 -0.85 -16.95 -7.79
C PRO A 32 -0.97 -17.83 -6.54
N ASN A 33 0.14 -18.12 -5.85
CA ASN A 33 0.08 -19.01 -4.69
C ASN A 33 -0.71 -18.35 -3.56
N VAL A 34 -1.79 -19.02 -3.15
CA VAL A 34 -2.66 -18.55 -2.07
C VAL A 34 -2.34 -19.37 -0.82
N VAL A 35 -2.16 -18.71 0.31
CA VAL A 35 -2.09 -19.40 1.59
C VAL A 35 -3.23 -18.91 2.46
N TYR A 36 -4.11 -19.83 2.86
CA TYR A 36 -5.20 -19.47 3.74
C TYR A 36 -4.70 -19.41 5.18
N GLN A 37 -5.18 -18.39 5.91
CA GLN A 37 -4.69 -18.17 7.26
C GLN A 37 -4.90 -19.37 8.16
N LYS A 38 -6.01 -20.11 7.98
CA LYS A 38 -6.22 -21.31 8.80
C LYS A 38 -5.10 -22.31 8.64
N ASP A 39 -4.41 -22.30 7.49
CA ASP A 39 -3.32 -23.23 7.21
C ASP A 39 -1.94 -22.68 7.54
N TYR A 40 -1.83 -21.39 7.83
CA TYR A 40 -0.52 -20.76 7.88
C TYR A 40 0.31 -21.10 9.12
N PRO A 41 -0.28 -21.20 10.32
CA PRO A 41 0.53 -21.63 11.47
C PRO A 41 1.21 -22.97 11.25
N ASP A 42 0.48 -23.99 10.80
CA ASP A 42 1.08 -25.27 10.47
C ASP A 42 2.14 -25.12 9.38
N PHE A 43 1.76 -24.47 8.28
CA PHE A 43 2.69 -24.29 7.16
C PHE A 43 3.96 -23.57 7.60
N TYR A 44 3.80 -22.42 8.25
CA TYR A 44 4.95 -21.58 8.59
C TYR A 44 5.89 -22.29 9.53
N PHE A 45 5.36 -22.92 10.59
CA PHE A 45 6.21 -23.65 11.52
C PHE A 45 6.72 -24.96 10.96
N GLY A 46 6.01 -25.54 9.99
CA GLY A 46 6.50 -26.74 9.33
C GLY A 46 7.72 -26.49 8.48
N VAL A 47 7.60 -25.61 7.47
CA VAL A 47 8.69 -25.38 6.53
C VAL A 47 9.88 -24.73 7.22
N THR A 48 9.69 -24.18 8.41
CA THR A 48 10.76 -23.55 9.15
C THR A 48 11.39 -24.46 10.20
N ASN A 49 10.97 -25.71 10.30
CA ASN A 49 11.57 -26.68 11.22
C ASN A 49 11.46 -26.24 12.69
N SER A 50 10.29 -25.72 13.08
CA SER A 50 10.14 -25.16 14.43
C SER A 50 8.92 -25.71 15.18
N ASN A 51 8.37 -26.85 14.78
CA ASN A 51 7.16 -27.35 15.43
C ASN A 51 7.42 -27.72 16.88
N HIS A 52 8.65 -28.06 17.24
CA HIS A 52 8.99 -28.32 18.62
C HIS A 52 8.88 -27.07 19.49
N LYS A 53 8.89 -25.88 18.90
CA LYS A 53 8.76 -24.64 19.67
C LYS A 53 7.29 -24.41 20.03
N THR A 54 6.84 -25.20 21.01
CA THR A 54 5.39 -25.40 21.16
C THR A 54 4.68 -24.14 21.66
N GLU A 55 5.28 -23.41 22.60
CA GLU A 55 4.57 -22.25 23.13
C GLU A 55 4.68 -21.04 22.19
N LEU A 56 5.81 -20.93 21.50
CA LEU A 56 5.94 -19.89 20.47
C LEU A 56 4.85 -20.05 19.42
N LYS A 57 4.53 -21.29 19.04
CA LYS A 57 3.55 -21.50 17.98
C LYS A 57 2.14 -21.19 18.46
N ASP A 58 1.81 -21.56 19.70
CA ASP A 58 0.51 -21.19 20.24
C ASP A 58 0.37 -19.67 20.26
N LYS A 59 1.46 -18.96 20.55
CA LYS A 59 1.44 -17.51 20.49
C LYS A 59 1.19 -17.03 19.05
N PHE A 60 1.82 -17.68 18.07
CA PHE A 60 1.59 -17.30 16.68
C PHE A 60 0.20 -17.70 16.21
N GLN A 61 -0.35 -18.82 16.72
CA GLN A 61 -1.72 -19.16 16.37
C GLN A 61 -2.69 -18.09 16.81
N ARG A 62 -2.48 -17.52 18.01
CA ARG A 62 -3.38 -16.49 18.50
C ARG A 62 -3.27 -15.21 17.66
N MET A 63 -2.07 -14.89 17.19
CA MET A 63 -1.92 -13.75 16.29
C MET A 63 -2.66 -13.99 14.98
N CYS A 64 -2.53 -15.19 14.41
CA CYS A 64 -3.28 -15.49 13.20
C CYS A 64 -4.79 -15.50 13.44
N ASP A 65 -5.23 -16.09 14.56
CA ASP A 65 -6.66 -16.07 14.88
C ASP A 65 -7.22 -14.66 14.93
N LYS A 66 -6.40 -13.70 15.37
CA LYS A 66 -6.83 -12.33 15.59
C LYS A 66 -6.56 -11.40 14.42
N SER A 67 -5.85 -11.88 13.40
CA SER A 67 -5.32 -11.02 12.35
C SER A 67 -6.40 -10.40 11.47
N CYS A 68 -7.61 -10.96 11.44
CA CYS A 68 -8.64 -10.54 10.47
C CYS A 68 -8.12 -10.61 9.04
N VAL A 69 -7.27 -11.60 8.81
CA VAL A 69 -6.74 -11.96 7.49
C VAL A 69 -7.21 -13.37 7.21
N SER A 70 -7.99 -13.55 6.14
CA SER A 70 -8.43 -14.88 5.74
C SER A 70 -7.42 -15.56 4.81
N LYS A 71 -6.82 -14.81 3.90
CA LYS A 71 -5.87 -15.38 2.96
C LYS A 71 -4.89 -14.31 2.49
N ARG A 72 -3.77 -14.77 1.96
CA ARG A 72 -2.76 -13.89 1.39
C ARG A 72 -2.17 -14.57 0.16
N HIS A 73 -1.67 -13.75 -0.76
CA HIS A 73 -0.94 -14.25 -1.90
C HIS A 73 0.55 -14.04 -1.65
N LEU A 74 1.32 -15.10 -1.82
CA LEU A 74 2.73 -15.09 -1.47
C LEU A 74 3.56 -15.65 -2.61
N TYR A 75 4.56 -14.89 -3.03
CA TYR A 75 5.53 -15.39 -4.00
C TYR A 75 6.24 -16.65 -3.50
N LEU A 76 6.64 -16.66 -2.23
CA LEU A 76 7.38 -17.80 -1.69
C LEU A 76 6.45 -19.01 -1.56
N THR A 77 6.82 -20.12 -2.18
CA THR A 77 6.11 -21.37 -2.07
C THR A 77 6.92 -22.35 -1.23
N GLU A 78 6.26 -23.43 -0.78
CA GLU A 78 6.99 -24.47 -0.05
C GLU A 78 8.16 -25.00 -0.88
N GLU A 79 7.95 -25.15 -2.19
CA GLU A 79 9.02 -25.65 -3.05
C GLU A 79 10.19 -24.69 -3.08
N ILE A 80 9.94 -23.38 -3.22
CA ILE A 80 11.04 -22.42 -3.23
C ILE A 80 11.75 -22.40 -1.88
N LEU A 81 10.99 -22.46 -0.79
CA LEU A 81 11.60 -22.49 0.55
C LEU A 81 12.40 -23.76 0.77
N LYS A 82 11.93 -24.90 0.24
CA LYS A 82 12.72 -26.12 0.34
C LYS A 82 14.02 -26.00 -0.44
N ALA A 83 13.98 -25.31 -1.58
CA ALA A 83 15.17 -25.15 -2.41
C ALA A 83 16.21 -24.25 -1.75
N ASN A 84 15.79 -23.36 -0.85
CA ASN A 84 16.66 -22.30 -0.33
C ASN A 84 16.57 -22.26 1.19
N PRO A 85 17.22 -23.21 1.88
CA PRO A 85 17.02 -23.35 3.32
C PRO A 85 17.49 -22.17 4.15
N SER A 86 18.35 -21.30 3.63
CA SER A 86 18.75 -20.13 4.41
C SER A 86 17.60 -19.15 4.60
N LEU A 87 16.52 -19.27 3.82
CA LEU A 87 15.32 -18.45 4.04
C LEU A 87 14.47 -19.01 5.17
N CYS A 88 14.41 -20.34 5.28
CA CYS A 88 13.65 -20.97 6.35
C CYS A 88 14.35 -20.88 7.69
N ALA A 89 15.66 -20.69 7.67
CA ALA A 89 16.41 -20.62 8.89
C ALA A 89 16.10 -19.31 9.60
N TYR A 90 16.68 -19.15 10.77
CA TYR A 90 16.58 -17.90 11.50
C TYR A 90 17.95 -17.25 11.62
N TRP A 91 18.01 -15.98 11.24
CA TRP A 91 19.20 -15.15 11.34
C TRP A 91 20.39 -15.81 10.65
N GLU A 92 20.15 -16.26 9.53
CA GLU A 92 21.21 -16.71 8.66
C GLU A 92 21.48 -15.67 7.57
N PRO A 93 22.70 -15.52 7.12
CA PRO A 93 22.94 -14.56 6.04
C PRO A 93 22.23 -14.97 4.80
N SER A 94 21.51 -14.06 4.15
CA SER A 94 20.61 -14.42 3.08
C SER A 94 20.15 -13.24 2.25
N LEU A 95 20.76 -12.11 2.45
CA LEU A 95 20.37 -10.94 1.74
C LEU A 95 20.68 -11.09 0.25
N ASP A 96 21.87 -11.55 -0.08
CA ASP A 96 22.19 -11.66 -1.49
C ASP A 96 21.18 -12.57 -2.20
N LEU A 97 20.80 -13.65 -1.53
CA LEU A 97 19.75 -14.52 -2.06
C LEU A 97 18.41 -13.79 -2.16
N ARG A 98 18.04 -13.03 -1.13
CA ARG A 98 16.76 -12.31 -1.19
C ARG A 98 16.76 -11.29 -2.32
N GLN A 99 17.82 -10.50 -2.43
CA GLN A 99 17.91 -9.47 -3.47
C GLN A 99 17.78 -10.07 -4.87
N ASP A 100 18.53 -11.17 -5.14
CA ASP A 100 18.44 -11.83 -6.43
C ASP A 100 17.00 -12.18 -6.79
N ILE A 101 16.21 -12.57 -5.78
CA ILE A 101 14.78 -12.80 -6.00
C ILE A 101 14.06 -11.48 -6.27
N VAL A 102 14.05 -10.57 -5.30
CA VAL A 102 13.08 -9.48 -5.40
C VAL A 102 13.50 -8.42 -6.42
N VAL A 103 14.79 -8.28 -6.70
CA VAL A 103 15.17 -7.32 -7.74
C VAL A 103 14.56 -7.73 -9.08
N VAL A 104 14.27 -9.01 -9.25
CA VAL A 104 13.58 -9.55 -10.43
C VAL A 104 12.06 -9.54 -10.25
N GLU A 105 11.55 -10.07 -9.13
CA GLU A 105 10.13 -10.35 -9.02
C GLU A 105 9.30 -9.13 -8.66
N VAL A 106 9.86 -8.17 -7.93
CA VAL A 106 9.11 -6.95 -7.63
C VAL A 106 8.77 -6.18 -8.91
N PRO A 107 9.72 -5.91 -9.82
CA PRO A 107 9.32 -5.29 -11.10
C PRO A 107 8.36 -6.14 -11.92
N LYS A 108 8.53 -7.46 -11.88
CA LYS A 108 7.67 -8.35 -12.66
C LYS A 108 6.23 -8.29 -12.17
N LEU A 109 6.04 -8.39 -10.85
CA LEU A 109 4.71 -8.24 -10.30
C LEU A 109 4.16 -6.86 -10.63
N GLY A 110 5.01 -5.83 -10.52
CA GLY A 110 4.58 -4.49 -10.87
C GLY A 110 4.17 -4.35 -12.33
N LYS A 111 4.84 -5.09 -13.21
CA LYS A 111 4.49 -5.02 -14.64
C LYS A 111 3.09 -5.58 -14.89
N GLN A 112 2.72 -6.65 -14.18
CA GLN A 112 1.37 -7.17 -14.34
C GLN A 112 0.33 -6.12 -13.96
N ALA A 113 0.53 -5.43 -12.83
CA ALA A 113 -0.45 -4.43 -12.42
C ALA A 113 -0.45 -3.25 -13.38
N ALA A 114 0.74 -2.83 -13.82
CA ALA A 114 0.87 -1.69 -14.73
C ALA A 114 0.17 -1.97 -16.06
N SER A 115 0.33 -3.19 -16.60
CA SER A 115 -0.31 -3.50 -17.87
C SER A 115 -1.83 -3.49 -17.74
N ALA A 116 -2.37 -3.95 -16.60
CA ALA A 116 -3.81 -3.87 -16.38
C ALA A 116 -4.28 -2.42 -16.34
N ALA A 117 -3.54 -1.54 -15.65
CA ALA A 117 -3.97 -0.16 -15.55
C ALA A 117 -3.93 0.53 -16.90
N ILE A 118 -2.88 0.27 -17.69
CA ILE A 118 -2.78 0.84 -19.03
C ILE A 118 -3.91 0.32 -19.91
N LYS A 119 -4.19 -0.98 -19.84
CA LYS A 119 -5.28 -1.53 -20.64
C LYS A 119 -6.61 -0.83 -20.32
N GLU A 120 -6.89 -0.62 -19.02
CA GLU A 120 -8.10 0.09 -18.63
C GLU A 120 -8.10 1.52 -19.15
N TRP A 121 -6.99 2.23 -18.94
CA TRP A 121 -6.84 3.61 -19.38
C TRP A 121 -7.12 3.74 -20.87
N GLY A 122 -6.53 2.88 -21.68
CA GLY A 122 -6.89 2.75 -23.07
C GLY A 122 -6.03 3.52 -24.05
N GLN A 123 -5.12 4.36 -23.57
CA GLN A 123 -4.18 5.09 -24.39
C GLN A 123 -2.91 4.27 -24.60
N PRO A 124 -2.19 4.50 -25.70
CA PRO A 124 -0.92 3.77 -25.89
C PRO A 124 0.06 4.08 -24.77
N LYS A 125 0.90 3.09 -24.46
CA LYS A 125 1.80 3.20 -23.33
C LYS A 125 2.81 4.32 -23.51
N SER A 126 3.03 4.79 -24.74
CA SER A 126 3.99 5.87 -24.94
C SER A 126 3.47 7.22 -24.49
N LYS A 127 2.18 7.34 -24.12
CA LYS A 127 1.70 8.58 -23.52
C LYS A 127 2.06 8.71 -22.06
N ILE A 128 2.59 7.66 -21.45
CA ILE A 128 3.12 7.79 -20.10
C ILE A 128 4.38 8.64 -20.16
N THR A 129 4.38 9.76 -19.44
CA THR A 129 5.52 10.68 -19.41
C THR A 129 6.39 10.54 -18.16
N HIS A 130 5.83 10.03 -17.07
CA HIS A 130 6.48 9.95 -15.77
C HIS A 130 6.19 8.59 -15.15
N LEU A 131 7.11 8.14 -14.30
CA LEU A 131 6.93 6.88 -13.58
C LEU A 131 7.44 7.04 -12.16
N ILE A 132 6.64 6.58 -11.19
CA ILE A 132 7.04 6.48 -9.80
C ILE A 132 6.92 5.02 -9.40
N PHE A 133 8.02 4.43 -8.96
CA PHE A 133 8.00 3.05 -8.47
C PHE A 133 8.36 3.05 -7.00
N CYS A 134 7.50 2.44 -6.19
CA CYS A 134 7.64 2.43 -4.74
C CYS A 134 7.71 0.97 -4.27
N THR A 135 8.71 0.64 -3.48
CA THR A 135 8.79 -0.70 -2.94
C THR A 135 9.59 -0.67 -1.66
N THR A 136 9.29 -1.62 -0.79
CA THR A 136 10.04 -1.89 0.43
C THR A 136 10.85 -3.18 0.29
N SER A 137 10.84 -3.80 -0.90
CA SER A 137 11.42 -5.13 -1.11
C SER A 137 12.59 -5.03 -2.06
N GLY A 138 13.78 -4.86 -1.50
CA GLY A 138 15.00 -4.89 -2.32
C GLY A 138 15.36 -3.52 -2.90
N VAL A 139 16.66 -3.37 -3.19
CA VAL A 139 17.21 -2.16 -3.81
C VAL A 139 18.28 -2.58 -4.83
N ASP A 140 18.50 -1.73 -5.83
CA ASP A 140 19.39 -2.06 -6.94
C ASP A 140 19.68 -0.81 -7.76
N MET A 141 20.77 -0.85 -8.53
CA MET A 141 21.09 0.18 -9.52
C MET A 141 21.48 -0.45 -10.88
N PRO A 142 20.77 -0.09 -11.96
CA PRO A 142 19.56 0.75 -12.00
C PRO A 142 18.42 0.10 -11.19
N GLY A 143 17.42 0.90 -10.85
CA GLY A 143 16.42 0.50 -9.89
C GLY A 143 15.22 -0.21 -10.50
N ALA A 144 14.28 -0.54 -9.62
CA ALA A 144 13.06 -1.23 -10.04
C ALA A 144 12.26 -0.39 -11.02
N ASP A 145 12.40 0.94 -10.95
CA ASP A 145 11.76 1.83 -11.90
C ASP A 145 12.30 1.61 -13.31
N TRP A 146 13.63 1.52 -13.42
CA TRP A 146 14.26 1.25 -14.70
C TRP A 146 13.84 -0.12 -15.23
N ALA A 147 13.84 -1.13 -14.36
CA ALA A 147 13.46 -2.48 -14.78
C ALA A 147 12.03 -2.53 -15.27
N LEU A 148 11.11 -1.84 -14.56
CA LEU A 148 9.72 -1.83 -14.99
C LEU A 148 9.58 -1.15 -16.37
N ALA A 149 10.24 0.00 -16.54
CA ALA A 149 10.23 0.68 -17.84
C ALA A 149 10.71 -0.24 -18.96
N LYS A 150 11.78 -0.98 -18.71
CA LYS A 150 12.28 -1.96 -19.67
C LYS A 150 11.26 -3.05 -19.93
N LEU A 151 10.64 -3.57 -18.88
CA LEU A 151 9.64 -4.63 -19.07
C LEU A 151 8.44 -4.13 -19.87
N LEU A 152 8.02 -2.89 -19.64
CA LEU A 152 6.86 -2.36 -20.36
C LEU A 152 7.20 -1.82 -21.74
N GLY A 153 8.48 -1.53 -22.00
CA GLY A 153 8.78 -0.84 -23.24
C GLY A 153 8.33 0.61 -23.25
N LEU A 154 8.40 1.28 -22.10
CA LEU A 154 8.09 2.69 -22.05
C LEU A 154 9.11 3.51 -22.83
N ARG A 155 8.74 4.74 -23.17
CA ARG A 155 9.67 5.59 -23.92
C ARG A 155 10.93 5.80 -23.10
N SER A 156 12.05 5.92 -23.81
CA SER A 156 13.34 6.02 -23.14
C SER A 156 13.49 7.32 -22.35
N SER A 157 12.66 8.32 -22.67
CA SER A 157 12.70 9.60 -21.97
C SER A 157 11.63 9.72 -20.89
N VAL A 158 11.02 8.62 -20.46
CA VAL A 158 10.11 8.70 -19.31
C VAL A 158 10.88 9.22 -18.11
N LYS A 159 10.28 10.18 -17.40
CA LYS A 159 10.88 10.72 -16.18
C LYS A 159 10.57 9.80 -15.01
N ARG A 160 11.59 9.11 -14.50
CA ARG A 160 11.42 8.06 -13.52
C ARG A 160 11.83 8.55 -12.13
N LEU A 161 11.28 7.87 -11.12
CA LEU A 161 11.59 8.11 -9.71
C LEU A 161 11.41 6.79 -8.97
N VAL A 162 12.43 6.32 -8.25
CA VAL A 162 12.28 5.09 -7.49
C VAL A 162 12.31 5.42 -6.00
N LEU A 163 11.28 4.97 -5.29
CA LEU A 163 11.10 5.22 -3.87
C LEU A 163 11.34 3.90 -3.16
N TYR A 164 12.54 3.75 -2.64
CA TYR A 164 12.97 2.54 -1.96
C TYR A 164 12.76 2.69 -0.46
N MET A 165 12.59 1.55 0.22
CA MET A 165 12.61 1.52 1.69
C MET A 165 11.61 2.50 2.28
N GLN A 166 10.43 2.57 1.68
CA GLN A 166 9.39 3.47 2.17
C GLN A 166 8.62 2.83 3.34
N GLY A 167 8.08 1.64 3.11
CA GLY A 167 7.21 1.03 4.11
C GLY A 167 5.76 1.47 3.97
N CYS A 168 5.01 1.23 5.05
CA CYS A 168 3.56 1.17 4.95
C CYS A 168 2.90 2.52 4.68
N TYR A 169 3.63 3.64 4.73
CA TYR A 169 3.05 4.92 4.33
C TYR A 169 3.24 5.22 2.85
N GLY A 170 3.92 4.35 2.11
CA GLY A 170 4.33 4.69 0.76
C GLY A 170 3.18 4.95 -0.20
N GLY A 171 2.02 4.33 0.04
CA GLY A 171 0.87 4.59 -0.81
C GLY A 171 0.44 6.05 -0.75
N GLY A 172 0.56 6.67 0.41
CA GLY A 172 0.29 8.09 0.50
C GLY A 172 1.38 8.91 -0.17
N THR A 173 2.64 8.51 0.02
CA THR A 173 3.76 9.28 -0.53
C THR A 173 3.68 9.36 -2.06
N VAL A 174 3.39 8.23 -2.73
CA VAL A 174 3.38 8.23 -4.19
C VAL A 174 2.29 9.16 -4.71
N LEU A 175 1.16 9.24 -4.00
CA LEU A 175 0.10 10.15 -4.41
C LEU A 175 0.51 11.59 -4.17
N ARG A 176 1.22 11.84 -3.07
CA ARG A 176 1.68 13.20 -2.77
C ARG A 176 2.64 13.71 -3.84
N ILE A 177 3.57 12.86 -4.30
CA ILE A 177 4.48 13.27 -5.37
C ILE A 177 3.75 13.31 -6.71
N ALA A 178 2.99 12.26 -7.04
CA ALA A 178 2.33 12.23 -8.34
C ALA A 178 1.42 13.44 -8.55
N LYS A 179 0.84 13.96 -7.48
CA LYS A 179 -0.03 15.13 -7.60
C LYS A 179 0.71 16.32 -8.21
N ASP A 180 1.93 16.61 -7.72
CA ASP A 180 2.66 17.75 -8.24
C ASP A 180 3.17 17.49 -9.65
N LEU A 181 3.59 16.25 -9.94
CA LEU A 181 4.06 15.92 -11.29
C LEU A 181 2.95 16.10 -12.30
N ALA A 182 1.75 15.59 -12.00
CA ALA A 182 0.64 15.72 -12.94
C ALA A 182 0.16 17.16 -13.06
N GLU A 183 0.09 17.89 -11.94
CA GLU A 183 -0.50 19.22 -11.98
C GLU A 183 0.45 20.26 -12.56
N ASN A 184 1.74 20.07 -12.37
CA ASN A 184 2.68 21.08 -12.84
C ASN A 184 3.18 20.83 -14.26
N ASN A 185 2.72 19.77 -14.94
CA ASN A 185 3.22 19.46 -16.29
C ASN A 185 2.03 19.15 -17.20
N LYS A 186 1.73 20.07 -18.10
CA LYS A 186 0.60 19.89 -19.00
C LYS A 186 0.79 18.64 -19.85
N GLY A 187 -0.23 17.79 -19.88
CA GLY A 187 -0.15 16.57 -20.65
C GLY A 187 0.51 15.43 -19.90
N ALA A 188 1.05 15.68 -18.71
CA ALA A 188 1.77 14.62 -18.01
C ALA A 188 0.82 13.51 -17.61
N ARG A 189 1.25 12.27 -17.85
CA ARG A 189 0.50 11.10 -17.42
C ARG A 189 1.45 10.23 -16.61
N VAL A 190 1.16 10.06 -15.33
CA VAL A 190 2.08 9.48 -14.37
C VAL A 190 1.64 8.04 -14.11
N LEU A 191 2.50 7.09 -14.45
CA LEU A 191 2.34 5.72 -14.02
C LEU A 191 2.90 5.60 -12.60
N VAL A 192 2.05 5.16 -11.67
CA VAL A 192 2.42 5.01 -10.27
C VAL A 192 2.31 3.52 -9.95
N VAL A 193 3.40 2.92 -9.48
CA VAL A 193 3.41 1.50 -9.13
C VAL A 193 3.96 1.31 -7.73
N CYS A 194 3.24 0.56 -6.90
CA CYS A 194 3.72 0.06 -5.63
C CYS A 194 3.75 -1.46 -5.72
N SER A 195 4.87 -2.07 -5.38
CA SER A 195 5.00 -3.52 -5.51
C SER A 195 5.77 -4.06 -4.32
N GLU A 196 5.23 -5.06 -3.65
CA GLU A 196 5.79 -5.57 -2.41
C GLU A 196 5.81 -7.10 -2.46
N ILE A 197 6.94 -7.69 -2.07
CA ILE A 197 7.11 -9.13 -2.07
C ILE A 197 7.85 -9.53 -0.79
N THR A 198 7.21 -10.36 0.05
CA THR A 198 7.67 -10.63 1.40
C THR A 198 8.91 -11.52 1.47
N ALA A 199 9.45 -11.95 0.32
CA ALA A 199 10.68 -12.74 0.32
C ALA A 199 11.85 -11.98 0.97
N ILE A 200 11.78 -10.65 1.01
CA ILE A 200 12.84 -9.85 1.61
C ILE A 200 12.84 -9.91 3.14
N THR A 201 11.71 -10.24 3.75
CA THR A 201 11.56 -10.24 5.21
C THR A 201 11.39 -11.64 5.79
N PHE A 202 10.97 -12.61 5.00
CA PHE A 202 10.55 -13.88 5.54
C PHE A 202 11.71 -14.55 6.28
N ARG A 203 11.45 -15.00 7.51
CA ARG A 203 12.46 -15.70 8.28
C ARG A 203 11.75 -16.56 9.30
N GLY A 204 12.45 -17.57 9.81
CA GLY A 204 11.92 -18.49 10.77
C GLY A 204 11.48 -17.84 12.06
N PRO A 205 10.73 -18.57 12.88
CA PRO A 205 10.21 -17.98 14.11
C PRO A 205 11.20 -18.10 15.25
N SER A 206 10.97 -17.27 16.27
CA SER A 206 11.87 -17.22 17.40
C SER A 206 11.34 -16.36 18.54
N ASP A 207 11.34 -16.90 19.75
CA ASP A 207 11.00 -16.11 20.94
C ASP A 207 11.95 -14.94 21.13
N THR A 208 13.05 -14.92 20.40
CA THR A 208 13.92 -13.75 20.27
C THR A 208 13.13 -12.48 19.95
N HIS A 209 12.36 -12.52 18.85
CA HIS A 209 11.88 -11.33 18.15
C HIS A 209 10.38 -11.51 17.91
N LEU A 210 9.58 -11.20 18.93
CA LEU A 210 8.16 -11.36 18.75
C LEU A 210 7.57 -10.29 17.84
N ASP A 211 8.37 -9.29 17.44
CA ASP A 211 7.93 -8.34 16.41
C ASP A 211 7.81 -9.04 15.07
N SER A 212 8.86 -9.76 14.66
CA SER A 212 8.85 -10.42 13.36
C SER A 212 7.69 -11.40 13.23
N LEU A 213 7.24 -11.97 14.35
CA LEU A 213 6.08 -12.87 14.32
C LEU A 213 4.83 -12.14 13.83
N VAL A 214 4.60 -10.93 14.36
CA VAL A 214 3.47 -10.11 13.90
C VAL A 214 3.52 -9.95 12.39
N GLY A 215 4.71 -9.68 11.85
CA GLY A 215 4.84 -9.53 10.41
C GLY A 215 4.46 -10.81 9.67
N GLN A 216 4.82 -11.96 10.24
CA GLN A 216 4.52 -13.24 9.60
C GLN A 216 3.03 -13.53 9.55
N ALA A 217 2.26 -12.97 10.48
CA ALA A 217 0.83 -13.18 10.48
C ALA A 217 0.08 -12.23 9.55
N LEU A 218 0.65 -11.07 9.22
CA LEU A 218 -0.10 -10.03 8.53
C LEU A 218 0.38 -9.69 7.12
N PHE A 219 1.67 -9.71 6.85
CA PHE A 219 2.19 -9.20 5.58
C PHE A 219 1.95 -10.17 4.42
N GLY A 220 1.42 -9.66 3.31
CA GLY A 220 1.29 -10.46 2.11
C GLY A 220 1.93 -9.76 0.91
N ASP A 221 1.76 -10.32 -0.29
CA ASP A 221 2.40 -9.79 -1.50
C ASP A 221 1.36 -9.18 -2.44
N GLY A 222 1.80 -8.18 -3.20
CA GLY A 222 0.93 -7.61 -4.20
C GLY A 222 1.51 -6.36 -4.82
N ALA A 223 0.95 -5.96 -5.95
CA ALA A 223 1.34 -4.74 -6.63
C ALA A 223 0.10 -4.03 -7.13
N SER A 224 0.13 -2.71 -7.10
CA SER A 224 -0.94 -1.91 -7.65
C SER A 224 -0.35 -0.84 -8.54
N ALA A 225 -1.12 -0.40 -9.52
CA ALA A 225 -0.66 0.59 -10.49
C ALA A 225 -1.77 1.60 -10.76
N LEU A 226 -1.37 2.86 -10.89
CA LEU A 226 -2.29 3.93 -11.25
C LEU A 226 -1.78 4.64 -12.48
N ILE A 227 -2.72 5.20 -13.24
CA ILE A 227 -2.42 6.30 -14.15
C ILE A 227 -2.97 7.56 -13.51
N VAL A 228 -2.09 8.54 -13.25
CA VAL A 228 -2.50 9.81 -12.65
C VAL A 228 -2.21 10.94 -13.63
N GLY A 229 -3.21 11.78 -13.88
CA GLY A 229 -2.98 12.91 -14.76
C GLY A 229 -4.02 13.97 -14.49
N SER A 230 -3.66 15.21 -14.80
CA SER A 230 -4.60 16.31 -14.73
C SER A 230 -5.25 16.51 -16.09
N ASP A 231 -6.40 17.18 -16.08
CA ASP A 231 -7.19 17.49 -17.26
C ASP A 231 -7.49 16.25 -18.11
N PRO A 232 -8.26 15.29 -17.60
CA PRO A 232 -8.62 14.13 -18.43
C PRO A 232 -9.35 14.58 -19.68
N VAL A 233 -9.02 13.94 -20.80
CA VAL A 233 -9.66 14.30 -22.07
C VAL A 233 -11.13 13.85 -22.03
N PRO A 234 -12.08 14.77 -22.28
CA PRO A 234 -13.49 14.44 -22.10
C PRO A 234 -13.97 13.36 -23.07
N ALA A 235 -14.75 12.43 -22.54
CA ALA A 235 -15.28 11.27 -23.24
C ALA A 235 -14.19 10.34 -23.77
N VAL A 236 -12.94 10.52 -23.31
CA VAL A 236 -11.82 9.70 -23.79
C VAL A 236 -11.14 9.03 -22.60
N GLU A 237 -10.71 9.83 -21.64
CA GLU A 237 -10.19 9.35 -20.37
C GLU A 237 -11.28 9.51 -19.29
N ARG A 238 -11.16 8.72 -18.24
CA ARG A 238 -12.16 8.70 -17.18
C ARG A 238 -11.47 8.89 -15.82
N ALA A 239 -11.87 9.92 -15.09
CA ALA A 239 -11.36 10.10 -13.73
C ALA A 239 -12.19 9.28 -12.75
N TRP A 240 -11.51 8.72 -11.76
CA TRP A 240 -12.16 7.94 -10.70
C TRP A 240 -12.03 8.60 -9.33
N PHE A 241 -10.90 9.25 -9.06
CA PHE A 241 -10.70 10.02 -7.85
C PHE A 241 -9.83 11.21 -8.19
N GLU A 242 -10.00 12.30 -7.43
CA GLU A 242 -9.17 13.48 -7.59
C GLU A 242 -8.35 13.70 -6.32
N LEU A 243 -7.09 14.08 -6.49
CA LEU A 243 -6.23 14.46 -5.37
C LEU A 243 -6.38 15.96 -5.12
N HIS A 244 -6.80 16.33 -3.90
CA HIS A 244 -7.00 17.74 -3.60
C HIS A 244 -6.11 18.30 -2.49
N TRP A 245 -5.73 17.50 -1.49
CA TRP A 245 -4.91 18.02 -0.39
C TRP A 245 -4.02 16.91 0.15
N THR A 246 -2.79 17.26 0.52
CA THR A 246 -1.88 16.25 1.05
C THR A 246 -1.18 16.80 2.29
N GLY A 247 -0.91 15.90 3.21
CA GLY A 247 -0.18 16.26 4.42
C GLY A 247 0.63 15.08 4.89
N SER A 248 1.72 15.37 5.59
CA SER A 248 2.60 14.36 6.14
C SER A 248 2.96 14.77 7.56
N ASP A 249 2.90 13.84 8.50
CA ASP A 249 3.16 14.15 9.90
C ASP A 249 4.00 13.06 10.55
N ILE A 250 4.94 13.48 11.37
CA ILE A 250 5.59 12.58 12.32
C ILE A 250 4.85 12.66 13.64
N LEU A 251 4.28 11.55 14.08
CA LEU A 251 3.44 11.57 15.27
C LEU A 251 4.29 11.74 16.54
N PRO A 252 3.78 12.46 17.52
CA PRO A 252 4.59 12.73 18.72
C PRO A 252 4.85 11.47 19.51
N ASN A 253 5.98 11.48 20.22
CA ASN A 253 6.41 10.39 21.10
C ASN A 253 6.29 9.03 20.41
N SER A 254 6.81 8.99 19.18
CA SER A 254 6.75 7.79 18.35
C SER A 254 8.13 7.38 17.88
N ASP A 255 9.18 8.01 18.36
CA ASP A 255 10.53 7.59 18.05
C ASP A 255 10.80 6.10 18.22
N GLY A 256 11.15 5.46 17.15
CA GLY A 256 11.40 4.05 17.15
C GLY A 256 10.18 3.17 17.22
N ALA A 257 9.01 3.72 16.94
CA ALA A 257 7.82 2.92 16.95
C ALA A 257 7.88 1.79 15.94
N ILE A 258 8.34 2.09 14.74
CA ILE A 258 8.39 1.15 13.66
C ILE A 258 9.70 1.40 12.95
N ASP A 259 10.59 0.43 13.00
CA ASP A 259 11.90 0.50 12.43
C ASP A 259 12.07 -0.71 11.51
N GLY A 260 12.81 -0.56 10.43
CA GLY A 260 13.16 -1.65 9.59
C GLY A 260 14.55 -1.42 9.07
N HIS A 261 15.39 -2.44 9.17
CA HIS A 261 16.75 -2.38 8.73
C HIS A 261 17.07 -3.39 7.67
N LEU A 262 17.85 -3.00 6.68
CA LEU A 262 18.28 -3.93 5.69
C LEU A 262 19.60 -4.53 6.08
N LYS A 263 19.55 -5.72 6.61
CA LYS A 263 20.73 -6.37 7.16
C LYS A 263 21.22 -7.49 6.27
N GLU A 264 22.35 -8.07 6.64
CA GLU A 264 22.88 -9.24 5.98
C GLU A 264 22.00 -10.49 6.04
N VAL A 265 21.18 -10.60 7.07
CA VAL A 265 20.11 -11.57 7.14
C VAL A 265 18.78 -11.15 6.46
N GLY A 266 18.81 -10.05 5.76
CA GLY A 266 17.64 -9.53 5.07
C GLY A 266 17.01 -8.38 5.79
N LEU A 267 15.78 -8.08 5.41
CA LEU A 267 15.09 -6.96 5.97
C LEU A 267 14.47 -7.36 7.29
N THR A 268 14.77 -6.62 8.33
CA THR A 268 14.22 -6.88 9.63
C THR A 268 13.31 -5.77 10.07
N PHE A 269 12.43 -6.07 11.00
CA PHE A 269 11.19 -5.40 11.23
C PHE A 269 11.07 -5.29 12.71
N HIS A 270 10.92 -4.09 13.23
CA HIS A 270 10.76 -3.90 14.65
C HIS A 270 9.58 -3.01 14.93
N LEU A 271 8.72 -3.43 15.83
CA LEU A 271 7.40 -2.85 15.97
C LEU A 271 6.91 -2.84 17.39
N MET A 272 6.77 -1.66 17.97
CA MET A 272 6.30 -1.52 19.32
C MET A 272 4.82 -1.84 19.45
N LYS A 273 4.46 -2.34 20.62
CA LYS A 273 3.07 -2.63 20.92
C LYS A 273 2.13 -1.45 20.99
N ASP A 274 2.63 -0.25 21.20
CA ASP A 274 1.77 0.89 21.25
C ASP A 274 1.53 1.62 19.92
N VAL A 275 1.86 1.02 18.80
CA VAL A 275 1.53 1.63 17.50
C VAL A 275 0.05 2.01 17.31
N PRO A 276 -0.85 1.13 17.67
CA PRO A 276 -2.27 1.44 17.58
C PRO A 276 -2.65 2.62 18.46
N ALA A 277 -2.12 2.68 19.66
CA ALA A 277 -2.38 3.77 20.56
C ALA A 277 -1.89 5.11 20.03
N ILE A 278 -0.66 5.12 19.53
CA ILE A 278 -0.07 6.31 19.00
C ILE A 278 -0.85 6.82 17.81
N ILE A 279 -1.18 5.93 16.90
CA ILE A 279 -1.95 6.31 15.74
C ILE A 279 -3.32 6.80 16.12
N SER A 280 -4.06 6.00 16.86
CA SER A 280 -5.45 6.32 17.19
C SER A 280 -5.62 7.60 18.01
N LYS A 281 -4.67 7.91 18.85
CA LYS A 281 -4.78 9.03 19.74
C LYS A 281 -4.32 10.34 19.15
N ASN A 282 -3.62 10.28 18.04
CA ASN A 282 -3.21 11.46 17.32
C ASN A 282 -4.00 11.73 16.00
N ILE A 283 -4.69 10.74 15.47
CA ILE A 283 -5.19 10.85 14.10
C ILE A 283 -6.30 11.90 14.01
N GLY A 284 -7.09 12.06 15.08
CA GLY A 284 -8.21 12.99 15.04
C GLY A 284 -7.77 14.42 14.80
N GLY A 285 -6.73 14.87 15.52
CA GLY A 285 -6.23 16.22 15.32
C GLY A 285 -5.68 16.43 13.92
N ILE A 286 -5.03 15.41 13.36
CA ILE A 286 -4.51 15.51 12.00
C ILE A 286 -5.66 15.67 11.01
N LEU A 287 -6.67 14.81 11.11
CA LEU A 287 -7.78 14.87 10.17
C LEU A 287 -8.57 16.16 10.33
N LYS A 288 -8.83 16.56 11.57
CA LYS A 288 -9.55 17.81 11.80
C LYS A 288 -8.81 19.01 11.19
N ASP A 289 -7.48 19.06 11.35
CA ASP A 289 -6.71 20.12 10.72
C ASP A 289 -6.79 20.06 9.19
N ALA A 290 -6.58 18.85 8.61
CA ALA A 290 -6.63 18.71 7.17
C ALA A 290 -7.97 19.15 6.60
N LEU A 291 -9.07 18.72 7.25
CA LEU A 291 -10.39 19.13 6.77
C LEU A 291 -10.60 20.63 6.96
N ALA A 292 -10.01 21.23 8.00
CA ALA A 292 -10.12 22.68 8.16
C ALA A 292 -9.42 23.42 7.03
N LYS A 293 -8.29 22.91 6.54
CA LYS A 293 -7.60 23.54 5.42
C LYS A 293 -8.39 23.36 4.12
N VAL A 294 -9.01 22.19 3.94
CA VAL A 294 -9.75 21.97 2.71
C VAL A 294 -11.06 22.75 2.72
N PHE A 295 -11.69 22.92 3.88
CA PHE A 295 -12.96 23.63 3.97
C PHE A 295 -12.82 24.76 4.97
N PRO A 296 -12.12 25.83 4.58
CA PRO A 296 -11.90 26.94 5.52
C PRO A 296 -13.17 27.76 5.75
N ALA A 297 -13.35 28.20 6.99
CA ALA A 297 -14.31 29.26 7.22
C ALA A 297 -13.70 30.59 6.79
N ALA A 298 -14.56 31.55 6.50
CA ALA A 298 -14.08 32.88 6.13
C ALA A 298 -15.08 33.96 6.49
N ALA A 311 -19.54 29.84 3.86
CA ALA A 311 -18.65 28.76 3.46
C ALA A 311 -19.08 27.44 4.09
N PRO A 312 -19.07 26.37 3.29
CA PRO A 312 -19.58 25.07 3.77
C PRO A 312 -18.66 24.47 4.82
N PRO A 313 -19.23 23.86 5.85
CA PRO A 313 -18.41 23.19 6.86
C PRO A 313 -17.90 21.87 6.32
N PRO A 314 -16.87 21.28 6.95
CA PRO A 314 -16.38 20.00 6.48
C PRO A 314 -17.46 18.93 6.64
N PRO A 315 -17.47 17.93 5.76
CA PRO A 315 -18.37 16.79 6.01
C PRO A 315 -18.00 16.11 7.32
N THR A 316 -18.98 15.44 7.91
CA THR A 316 -18.67 14.60 9.06
C THR A 316 -17.89 13.37 8.62
N TYR A 317 -17.19 12.75 9.58
CA TYR A 317 -16.43 11.55 9.30
C TYR A 317 -17.30 10.48 8.66
N ASN A 318 -18.55 10.34 9.13
CA ASN A 318 -19.40 9.30 8.55
C ASN A 318 -19.87 9.66 7.15
N ASP A 319 -19.72 10.92 6.72
CA ASP A 319 -20.09 11.32 5.37
C ASP A 319 -18.87 11.41 4.44
N LEU A 320 -17.71 10.91 4.87
CA LEU A 320 -16.53 10.78 4.03
C LEU A 320 -16.36 9.30 3.64
N PHE A 321 -15.67 9.05 2.52
CA PHE A 321 -15.22 7.68 2.28
C PHE A 321 -13.80 7.51 2.80
N TRP A 322 -13.46 6.27 3.17
CA TRP A 322 -12.25 6.00 3.95
C TRP A 322 -11.37 4.95 3.29
N ILE A 323 -10.16 5.33 2.94
CA ILE A 323 -9.18 4.42 2.34
C ILE A 323 -7.99 4.39 3.30
N THR A 324 -8.00 3.43 4.21
CA THR A 324 -7.12 3.45 5.37
C THR A 324 -6.13 2.29 5.33
N HIS A 325 -4.84 2.58 5.42
CA HIS A 325 -3.88 1.50 5.38
C HIS A 325 -4.12 0.59 6.59
N PRO A 326 -4.43 -0.64 6.39
CA PRO A 326 -4.74 -1.55 7.52
C PRO A 326 -3.46 -2.20 8.06
N GLY A 327 -2.68 -1.40 8.78
CA GLY A 327 -1.47 -1.94 9.38
C GLY A 327 -1.72 -3.22 10.13
N GLY A 328 -2.83 -3.26 10.88
CA GLY A 328 -3.29 -4.44 11.57
C GLY A 328 -4.68 -4.14 12.08
N PRO A 329 -5.45 -5.15 12.46
CA PRO A 329 -6.81 -4.89 12.93
C PRO A 329 -6.85 -4.00 14.16
N ALA A 330 -5.82 -4.06 15.01
CA ALA A 330 -5.83 -3.21 16.22
C ALA A 330 -5.78 -1.74 15.85
N ILE A 331 -5.00 -1.40 14.83
CA ILE A 331 -4.97 -0.02 14.35
C ILE A 331 -6.36 0.41 13.87
N LEU A 332 -6.97 -0.40 12.99
CA LEU A 332 -8.32 -0.09 12.52
C LEU A 332 -9.32 0.02 13.67
N ASP A 333 -9.34 -0.97 14.57
CA ASP A 333 -10.33 -0.97 15.65
C ASP A 333 -10.19 0.26 16.53
N GLN A 334 -8.95 0.65 16.86
CA GLN A 334 -8.76 1.78 17.77
C GLN A 334 -8.99 3.12 17.08
N VAL A 335 -8.66 3.23 15.80
CA VAL A 335 -8.98 4.44 15.05
C VAL A 335 -10.50 4.61 14.96
N GLU A 336 -11.19 3.53 14.60
CA GLU A 336 -12.65 3.54 14.51
C GLU A 336 -13.28 3.95 15.83
N ASP A 337 -12.78 3.40 16.94
CA ASP A 337 -13.30 3.71 18.25
C ASP A 337 -13.03 5.16 18.64
N ARG A 338 -11.80 5.63 18.42
CA ARG A 338 -11.45 6.96 18.93
C ARG A 338 -12.16 8.05 18.15
N LEU A 339 -12.31 7.89 16.84
CA LEU A 339 -13.03 8.84 15.99
C LEU A 339 -14.53 8.62 15.98
N GLY A 340 -15.03 7.57 16.64
CA GLY A 340 -16.46 7.27 16.59
C GLY A 340 -17.02 6.98 15.20
N LEU A 341 -16.25 6.27 14.37
CA LEU A 341 -16.72 5.96 13.01
C LEU A 341 -17.84 4.93 13.05
N ARG A 342 -18.88 5.16 12.26
CA ARG A 342 -19.90 4.13 12.08
C ARG A 342 -19.23 2.88 11.54
N LYS A 343 -19.76 1.71 11.92
CA LYS A 343 -19.06 0.45 11.71
C LYS A 343 -18.91 0.07 10.23
N ASP A 344 -19.59 0.75 9.31
CA ASP A 344 -19.42 0.43 7.89
C ASP A 344 -18.34 1.25 7.20
N LYS A 345 -17.81 2.30 7.84
CA LYS A 345 -16.90 3.19 7.12
C LYS A 345 -15.61 2.49 6.70
N LEU A 346 -15.11 1.54 7.50
CA LEU A 346 -13.88 0.82 7.17
C LEU A 346 -14.13 -0.51 6.47
N ALA A 347 -15.31 -0.72 5.91
CA ALA A 347 -15.61 -2.01 5.32
C ALA A 347 -14.73 -2.29 4.10
N SER A 348 -14.52 -1.30 3.23
CA SER A 348 -13.67 -1.53 2.06
C SER A 348 -12.24 -1.86 2.48
N THR A 349 -11.72 -1.08 3.43
CA THR A 349 -10.39 -1.33 3.99
C THR A 349 -10.30 -2.74 4.57
N ARG A 350 -11.30 -3.14 5.36
CA ARG A 350 -11.21 -4.45 6.02
C ARG A 350 -11.37 -5.61 5.04
N ALA A 351 -12.07 -5.39 3.92
CA ALA A 351 -12.19 -6.45 2.90
C ALA A 351 -10.83 -6.74 2.26
N VAL A 352 -10.02 -5.71 2.02
CA VAL A 352 -8.71 -5.96 1.44
C VAL A 352 -7.80 -6.66 2.45
N LEU A 353 -7.82 -6.23 3.72
CA LEU A 353 -6.99 -6.90 4.72
C LEU A 353 -7.38 -8.38 4.83
N ASP A 354 -8.69 -8.66 4.77
CA ASP A 354 -9.17 -10.04 4.89
C ASP A 354 -8.69 -10.91 3.74
N GLN A 355 -8.72 -10.38 2.52
CA GLN A 355 -8.43 -11.17 1.31
C GLN A 355 -6.97 -11.11 0.87
N PHE A 356 -6.17 -10.19 1.41
CA PHE A 356 -4.80 -10.01 0.95
C PHE A 356 -3.80 -9.76 2.05
N GLY A 357 -4.23 -9.53 3.29
CA GLY A 357 -3.31 -9.10 4.33
C GLY A 357 -2.78 -7.70 4.08
N ASN A 358 -1.73 -7.36 4.84
CA ASN A 358 -1.03 -6.08 4.74
C ASN A 358 0.03 -6.19 3.65
N MET A 359 -0.17 -5.49 2.54
CA MET A 359 0.77 -5.48 1.42
C MET A 359 1.59 -4.19 1.38
N SER A 360 1.88 -3.64 2.56
CA SER A 360 2.70 -2.44 2.76
C SER A 360 2.18 -1.34 1.84
N SER A 361 3.03 -0.70 1.03
CA SER A 361 2.67 0.54 0.33
C SER A 361 1.56 0.34 -0.71
N ALA A 362 1.40 -0.88 -1.24
CA ALA A 362 0.38 -1.13 -2.24
C ALA A 362 -1.03 -1.18 -1.67
N THR A 363 -1.18 -1.37 -0.35
CA THR A 363 -2.47 -1.78 0.18
C THR A 363 -3.55 -0.73 -0.07
N VAL A 364 -3.25 0.55 0.17
CA VAL A 364 -4.31 1.55 -0.01
C VAL A 364 -4.77 1.62 -1.45
N LEU A 365 -3.91 1.28 -2.43
CA LEU A 365 -4.39 1.31 -3.80
C LEU A 365 -5.28 0.10 -4.12
N PHE A 366 -5.02 -1.07 -3.52
CA PHE A 366 -5.99 -2.16 -3.59
C PHE A 366 -7.33 -1.72 -3.01
N ILE A 367 -7.31 -0.98 -1.90
CA ILE A 367 -8.55 -0.54 -1.26
C ILE A 367 -9.29 0.45 -2.15
N MET A 368 -8.56 1.39 -2.76
CA MET A 368 -9.16 2.31 -3.70
C MET A 368 -9.84 1.55 -4.83
N ASP A 369 -9.17 0.51 -5.37
CA ASP A 369 -9.76 -0.29 -6.43
C ASP A 369 -11.02 -1.00 -5.97
N GLU A 370 -10.96 -1.61 -4.78
CA GLU A 370 -12.13 -2.32 -4.25
C GLU A 370 -13.31 -1.38 -4.08
N MET A 371 -13.05 -0.17 -3.61
CA MET A 371 -14.12 0.79 -3.32
C MET A 371 -14.81 1.25 -4.60
N ARG A 372 -14.03 1.62 -5.62
CA ARG A 372 -14.66 2.07 -6.87
C ARG A 372 -15.43 0.94 -7.52
N LYS A 373 -14.90 -0.30 -7.44
CA LYS A 373 -15.58 -1.42 -8.08
C LYS A 373 -16.86 -1.77 -7.35
N ARG A 374 -16.82 -1.82 -6.02
CA ARG A 374 -18.05 -1.92 -5.23
C ARG A 374 -19.06 -0.86 -5.62
N SER A 375 -18.60 0.39 -5.70
CA SER A 375 -19.50 1.51 -5.98
C SER A 375 -20.19 1.35 -7.32
N VAL A 376 -19.43 0.95 -8.35
CA VAL A 376 -19.99 0.71 -9.68
C VAL A 376 -20.95 -0.47 -9.66
N GLU A 377 -20.54 -1.57 -9.03
CA GLU A 377 -21.36 -2.77 -9.00
C GLU A 377 -22.68 -2.51 -8.26
N GLN A 378 -22.62 -1.77 -7.17
CA GLN A 378 -23.81 -1.54 -6.37
C GLN A 378 -24.58 -0.30 -6.81
N GLN A 379 -24.16 0.34 -7.89
CA GLN A 379 -24.83 1.52 -8.45
C GLN A 379 -24.97 2.63 -7.42
N LEU A 380 -23.90 2.84 -6.65
CA LEU A 380 -23.85 3.98 -5.78
C LEU A 380 -23.59 5.24 -6.61
N GLY A 381 -23.89 6.39 -6.02
CA GLY A 381 -23.86 7.59 -6.84
C GLY A 381 -22.49 8.13 -7.14
N THR A 382 -21.44 7.63 -6.46
CA THR A 382 -20.08 8.11 -6.66
C THR A 382 -19.12 6.95 -6.54
N THR A 383 -17.90 7.17 -7.05
CA THR A 383 -16.84 6.19 -6.93
C THR A 383 -16.41 6.00 -5.48
N GLY A 384 -16.80 6.93 -4.59
CA GLY A 384 -16.49 6.79 -3.18
C GLY A 384 -17.68 6.31 -2.38
N GLU A 385 -18.28 5.19 -2.77
CA GLU A 385 -19.40 4.61 -2.02
C GLU A 385 -20.58 5.57 -1.87
N GLY A 386 -20.69 6.58 -2.72
CA GLY A 386 -21.79 7.52 -2.63
C GLY A 386 -21.45 8.84 -1.96
N HIS A 387 -20.27 8.95 -1.37
CA HIS A 387 -19.81 10.16 -0.69
C HIS A 387 -18.96 10.97 -1.65
N GLU A 388 -18.98 12.30 -1.47
CA GLU A 388 -18.20 13.19 -2.32
C GLU A 388 -16.73 13.22 -1.91
N TRP A 389 -16.46 13.49 -0.63
CA TRP A 389 -15.09 13.66 -0.15
C TRP A 389 -14.63 12.44 0.63
N GLY A 390 -13.32 12.27 0.70
CA GLY A 390 -12.74 11.06 1.25
C GLY A 390 -11.32 11.29 1.73
N LEU A 391 -10.82 10.29 2.45
CA LEU A 391 -9.52 10.36 3.10
C LEU A 391 -8.72 9.10 2.81
N LEU A 392 -7.49 9.25 2.36
CA LEU A 392 -6.56 8.13 2.23
C LEU A 392 -5.46 8.32 3.26
N LEU A 393 -5.19 7.28 4.05
CA LEU A 393 -4.24 7.37 5.14
C LEU A 393 -3.19 6.26 4.99
N GLY A 394 -1.93 6.64 5.07
CA GLY A 394 -0.84 5.69 5.17
C GLY A 394 -0.09 5.94 6.46
N PHE A 395 0.36 4.86 7.10
CA PHE A 395 1.14 4.91 8.34
C PHE A 395 2.35 4.01 8.22
N GLY A 396 3.49 4.46 8.75
CA GLY A 396 4.69 3.68 8.66
C GLY A 396 5.83 4.31 9.45
N PRO A 397 7.06 3.89 9.17
CA PRO A 397 8.22 4.34 9.95
C PRO A 397 8.30 5.85 10.12
N GLY A 398 8.49 6.27 11.36
CA GLY A 398 8.53 7.70 11.67
C GLY A 398 8.27 8.03 13.12
N LEU A 399 7.09 7.70 13.65
CA LEU A 399 5.96 7.13 12.92
C LEU A 399 5.32 8.16 11.99
N THR A 400 5.36 7.87 10.69
CA THR A 400 4.90 8.78 9.65
C THR A 400 3.45 8.48 9.30
N CYS A 401 2.63 9.53 9.29
CA CYS A 401 1.25 9.45 8.83
C CYS A 401 1.09 10.31 7.59
N GLU A 402 0.73 9.67 6.47
CA GLU A 402 0.45 10.36 5.20
C GLU A 402 -1.05 10.50 5.02
N THR A 403 -1.51 11.73 4.79
CA THR A 403 -2.94 12.02 4.63
C THR A 403 -3.19 12.57 3.24
N VAL A 404 -4.15 12.00 2.52
CA VAL A 404 -4.56 12.57 1.25
C VAL A 404 -6.06 12.78 1.30
N VAL A 405 -6.50 14.02 1.02
CA VAL A 405 -7.93 14.28 0.87
C VAL A 405 -8.27 14.12 -0.60
N LEU A 406 -9.28 13.30 -0.87
CA LEU A 406 -9.68 12.90 -2.22
C LEU A 406 -11.10 13.36 -2.48
N ARG A 407 -11.41 13.62 -3.74
CA ARG A 407 -12.80 13.75 -4.14
C ARG A 407 -13.13 12.55 -5.01
N SER A 408 -14.30 11.96 -4.79
CA SER A 408 -14.80 10.94 -5.68
C SER A 408 -15.26 11.60 -6.98
N VAL A 409 -15.78 10.78 -7.89
CA VAL A 409 -16.32 11.24 -9.15
C VAL A 409 -17.74 10.69 -9.24
N PRO A 410 -18.74 11.50 -9.63
CA PRO A 410 -20.11 10.97 -9.75
C PRO A 410 -20.21 9.89 -10.80
N LEU A 411 -21.07 8.90 -10.53
CA LEU A 411 -21.30 7.77 -11.44
C LEU A 411 -22.61 7.95 -12.18
N VAL A 412 -22.59 7.55 -13.46
CA VAL A 412 -23.70 7.67 -14.43
C VAL A 412 -24.61 8.86 -14.15
O13 ERD B . 9.93 -4.88 7.47
C9 ERD B . 9.03 -4.54 6.50
C10 ERD B . 8.51 -5.47 5.54
C11 ERD B . 7.90 -4.79 4.34
C14 ERD B . 7.23 -5.69 3.35
C15 ERD B . 7.92 -6.15 2.28
C16 ERD B . 7.30 -6.91 1.35
C17 ERD B . 5.97 -7.22 1.49
O24 ERD B . 5.41 -8.02 0.51
C18 ERD B . 5.25 -6.76 2.59
O23 ERD B . 3.89 -6.99 2.84
C19 ERD B . 5.92 -5.98 3.49
O12 ERD B . 6.91 -3.79 4.70
C4 ERD B . 7.29 -2.97 5.86
C3 ERD B . 8.30 -3.33 6.69
C5 ERD B . 6.61 -1.77 6.11
C6 ERD B . 6.97 -0.97 7.17
O29 ERD B . 6.30 0.18 7.41
C1 ERD B . 8.00 -1.34 8.02
C2 ERD B . 8.66 -2.51 7.76
O30 ERD B . 9.70 -2.94 8.57
N1A COA C . 5.20 -7.24 19.29
C2A COA C . 5.18 -8.44 19.86
N3A COA C . 4.07 -9.11 20.19
C4A COA C . 2.88 -8.58 19.94
C5A COA C . 2.80 -7.27 19.32
C6A COA C . 4.07 -6.61 19.00
N6A COA C . 4.07 -5.39 18.43
N7A COA C . 1.52 -6.98 19.21
C8A COA C . 0.83 -8.03 19.70
N9A COA C . 1.65 -8.97 20.12
C1B COA C . 1.30 -10.24 20.73
C2B COA C . 0.75 -10.06 22.13
O2B COA C . 1.83 -9.82 23.02
C3B COA C . 0.03 -11.37 22.37
O3B COA C . 0.86 -12.33 23.02
P3B COA C . 0.27 -13.32 24.14
O7A COA C . 0.17 -12.37 25.28
O8A COA C . -0.99 -13.88 23.57
O9A COA C . 1.25 -14.43 24.28
C4B COA C . -0.32 -11.82 20.96
O4B COA C . 0.22 -10.84 20.06
C5B COA C . -1.81 -11.99 20.73
O5B COA C . -2.41 -10.71 20.63
P1A COA C . -3.65 -10.23 21.47
O1A COA C . -3.22 -9.05 22.27
O2A COA C . -4.23 -11.47 22.07
O3A COA C . -4.73 -9.76 20.37
P2A COA C . -4.66 -8.51 19.39
O4A COA C . -3.56 -7.62 19.83
O5A COA C . -6.00 -7.93 19.27
O6A COA C . -4.23 -9.15 18.01
CBP COA C . -2.39 -8.24 16.74
CCP COA C . -3.88 -8.27 16.93
CDP COA C . -3.00 -8.96 15.56
CEP COA C . -1.38 -8.15 15.61
CAP COA C . -2.63 -6.73 17.02
OAP COA C . -1.94 -6.31 18.20
C9P COA C . -2.47 -5.72 15.88
O9P COA C . -3.26 -5.64 15.00
N8P COA C . -1.41 -4.94 15.94
C7P COA C . -1.07 -4.04 14.88
C6P COA C . 0.22 -4.51 14.25
C5P COA C . 0.91 -3.33 13.66
O5P COA C . 1.40 -2.52 14.35
N4P COA C . 0.90 -3.25 12.36
C3P COA C . 1.23 -2.05 11.71
C2P COA C . 2.54 -2.23 11.02
S1P COA C . 4.27 -2.57 10.72
S1P COA C . 3.33 -1.04 9.92
#